data_5VW4
#
_entry.id   5VW4
#
_cell.length_a   58.894
_cell.length_b   58.894
_cell.length_c   184.812
_cell.angle_alpha   90.00
_cell.angle_beta   90.00
_cell.angle_gamma   120.00
#
_symmetry.space_group_name_H-M   'P 32 2 1'
#
loop_
_entity.id
_entity.type
_entity.pdbx_description
1 polymer 'Ferredoxin--NADP reductase'
2 non-polymer 'MAGNESIUM ION'
3 non-polymer 'FLAVIN-ADENINE DINUCLEOTIDE'
4 non-polymer NICOTINAMIDE
5 water water
#
_entity_poly.entity_id   1
_entity_poly.type   'polypeptide(L)'
_entity_poly.pdbx_seq_one_letter_code
;SVQQASRSKVSVAPLHLESAKEPPLNTYKPKEPFTATIVSVESLVGPKAPGETCHIVIDHGGNVPYWEGQSYGVIPPGEN
PKKPGAPQNVRLYSIASTRYGDNFDGRTGSLCVRRAVYYDPETGKEDPSKNGVCSNFLCNSKPGDKIQLTGPSGKIMLLP
EEDPNATHIMIATGTGVAPFRGYLRRMFMEDVPNYRFGGLAWLFLGVANSDSLLYDEEFTSYLKQYPDNFRYDKALSREQ
KNRSGGKMYVQDKIEEYSDEIFKLLDGGAHIYFCGLKGMMPGIQDTLKKVAERRGESWDQKLAQLKKNKQWHVEVS
;
_entity_poly.pdbx_strand_id   A
#
loop_
_chem_comp.id
_chem_comp.type
_chem_comp.name
_chem_comp.formula
FAD non-polymer 'FLAVIN-ADENINE DINUCLEOTIDE' 'C27 H33 N9 O15 P2'
MG non-polymer 'MAGNESIUM ION' 'Mg 2'
NCA non-polymer NICOTINAMIDE 'C6 H6 N2 O'
#
# COMPACT_ATOMS: atom_id res chain seq x y z
N SER A 8 5.71 22.44 -11.00
CA SER A 8 6.91 21.71 -10.62
C SER A 8 6.71 21.03 -9.27
N LYS A 9 7.80 20.66 -8.60
CA LYS A 9 7.68 19.90 -7.38
C LYS A 9 7.13 20.78 -6.25
N VAL A 10 6.38 20.15 -5.35
CA VAL A 10 5.66 20.85 -4.28
C VAL A 10 6.61 21.07 -3.12
N SER A 11 6.65 22.30 -2.60
CA SER A 11 7.44 22.56 -1.41
C SER A 11 6.86 21.78 -0.23
N VAL A 12 7.72 21.10 0.50
CA VAL A 12 7.34 20.37 1.70
C VAL A 12 8.18 20.89 2.84
N ALA A 13 7.64 20.81 4.03
CA ALA A 13 8.31 21.25 5.23
C ALA A 13 7.85 20.34 6.37
N PRO A 14 8.64 20.21 7.43
CA PRO A 14 9.96 20.81 7.58
C PRO A 14 11.07 19.90 7.08
N LEU A 15 12.07 20.49 6.45
CA LEU A 15 13.14 19.68 5.88
C LEU A 15 13.95 18.92 6.93
N HIS A 16 13.81 19.26 8.21
CA HIS A 16 14.50 18.48 9.24
C HIS A 16 13.99 17.05 9.31
N LEU A 17 12.87 16.74 8.67
CA LEU A 17 12.47 15.34 8.59
C LEU A 17 13.41 14.50 7.77
N GLU A 18 14.32 15.11 7.00
CA GLU A 18 15.32 14.37 6.24
C GLU A 18 16.55 14.07 7.07
N SER A 19 16.65 14.60 8.30
CA SER A 19 17.91 14.54 9.04
C SER A 19 18.11 13.19 9.73
N ALA A 20 17.04 12.52 10.13
CA ALA A 20 17.18 11.26 10.83
C ALA A 20 17.89 10.25 9.96
N LYS A 21 18.79 9.47 10.55
CA LYS A 21 19.51 8.45 9.80
C LYS A 21 18.88 7.08 9.96
N GLU A 22 17.94 6.91 10.88
CA GLU A 22 17.24 5.66 11.10
C GLU A 22 15.75 5.96 11.14
N PRO A 23 14.89 5.02 10.73
CA PRO A 23 13.47 5.29 10.76
C PRO A 23 12.98 5.27 12.19
N PRO A 24 11.96 6.05 12.52
CA PRO A 24 11.36 5.93 13.85
C PRO A 24 10.72 4.56 14.00
N LEU A 25 10.78 4.00 15.19
CA LEU A 25 10.13 2.73 15.47
C LEU A 25 9.56 2.75 16.87
N ASN A 26 8.28 2.41 16.98
CA ASN A 26 7.64 2.21 18.28
C ASN A 26 7.78 3.45 19.16
N THR A 27 7.64 4.61 18.54
CA THR A 27 7.62 5.86 19.29
C THR A 27 6.53 5.86 20.33
N TYR A 28 5.35 5.37 19.95
CA TYR A 28 4.23 5.19 20.86
C TYR A 28 3.89 3.72 20.86
N LYS A 29 3.49 3.24 22.02
CA LYS A 29 3.23 1.83 22.25
CA LYS A 29 3.23 1.83 22.25
C LYS A 29 1.79 1.65 22.71
N PRO A 30 1.26 0.42 22.61
CA PRO A 30 -0.18 0.20 22.89
C PRO A 30 -0.67 0.64 24.26
N LYS A 31 0.13 0.59 25.31
CA LYS A 31 -0.37 0.97 26.62
C LYS A 31 -0.43 2.47 26.80
N GLU A 32 0.23 3.25 25.95
CA GLU A 32 0.19 4.71 26.00
C GLU A 32 0.24 5.22 24.58
N PRO A 33 -0.84 5.06 23.82
CA PRO A 33 -0.81 5.47 22.42
C PRO A 33 -0.81 6.98 22.33
N PHE A 34 -0.55 7.47 21.13
CA PHE A 34 -0.71 8.89 20.86
C PHE A 34 -2.14 9.13 20.41
N THR A 35 -2.81 10.10 21.04
CA THR A 35 -4.17 10.43 20.63
C THR A 35 -4.11 11.44 19.49
N ALA A 36 -4.29 10.93 18.28
CA ALA A 36 -4.32 11.74 17.08
C ALA A 36 -5.74 12.11 16.73
N THR A 37 -5.88 12.99 15.75
CA THR A 37 -7.16 13.50 15.36
C THR A 37 -7.40 13.32 13.87
N ILE A 38 -8.60 12.87 13.53
CA ILE A 38 -8.95 12.72 12.12
C ILE A 38 -9.11 14.09 11.48
N VAL A 39 -8.51 14.26 10.32
CA VAL A 39 -8.67 15.45 9.49
C VAL A 39 -9.75 15.25 8.46
N SER A 40 -9.75 14.10 7.81
CA SER A 40 -10.71 13.84 6.75
C SER A 40 -10.78 12.35 6.51
N VAL A 41 -11.93 11.92 6.01
CA VAL A 41 -12.15 10.55 5.57
C VAL A 41 -12.97 10.65 4.30
N GLU A 42 -12.55 9.97 3.25
CA GLU A 42 -13.25 10.00 1.98
CA GLU A 42 -13.27 9.99 1.99
C GLU A 42 -13.19 8.63 1.33
N SER A 43 -14.26 8.24 0.66
CA SER A 43 -14.23 7.01 -0.11
C SER A 43 -13.35 7.24 -1.33
N LEU A 44 -12.54 6.23 -1.65
CA LEU A 44 -11.68 6.24 -2.82
C LEU A 44 -12.33 5.61 -4.04
N VAL A 45 -13.50 5.00 -3.88
CA VAL A 45 -14.03 4.11 -4.91
C VAL A 45 -15.43 4.52 -5.32
N GLY A 46 -15.81 4.06 -6.50
CA GLY A 46 -17.11 4.35 -7.07
C GLY A 46 -18.13 3.29 -6.70
N PRO A 47 -19.37 3.48 -7.16
CA PRO A 47 -20.47 2.63 -6.69
C PRO A 47 -20.40 1.18 -7.15
N LYS A 48 -19.69 0.89 -8.25
CA LYS A 48 -19.55 -0.49 -8.71
C LYS A 48 -18.43 -1.24 -8.00
N ALA A 49 -17.66 -0.58 -7.15
CA ALA A 49 -16.60 -1.26 -6.43
C ALA A 49 -17.22 -2.35 -5.55
N PRO A 50 -16.70 -3.58 -5.56
CA PRO A 50 -17.27 -4.63 -4.70
C PRO A 50 -17.17 -4.31 -3.23
N GLY A 51 -16.16 -3.55 -2.82
CA GLY A 51 -15.98 -3.17 -1.44
C GLY A 51 -15.69 -1.68 -1.35
N GLU A 52 -15.62 -1.22 -0.11
CA GLU A 52 -15.42 0.18 0.19
C GLU A 52 -14.00 0.32 0.70
N THR A 53 -13.25 1.23 0.11
CA THR A 53 -11.92 1.58 0.58
C THR A 53 -11.88 3.09 0.76
N CYS A 54 -11.36 3.53 1.90
CA CYS A 54 -11.36 4.94 2.25
CA CYS A 54 -11.36 4.94 2.26
C CYS A 54 -9.95 5.45 2.47
N HIS A 55 -9.79 6.75 2.29
CA HIS A 55 -8.55 7.47 2.51
C HIS A 55 -8.77 8.31 3.76
N ILE A 56 -7.93 8.10 4.75
CA ILE A 56 -8.07 8.73 6.04
CA ILE A 56 -8.07 8.72 6.06
C ILE A 56 -6.84 9.56 6.30
N VAL A 57 -7.04 10.83 6.61
CA VAL A 57 -5.94 11.73 6.95
C VAL A 57 -6.00 11.96 8.44
N ILE A 58 -4.88 11.73 9.12
CA ILE A 58 -4.75 11.74 10.57
C ILE A 58 -3.71 12.80 10.95
N ASP A 59 -4.09 13.72 11.83
CA ASP A 59 -3.17 14.72 12.37
C ASP A 59 -2.46 14.13 13.58
N HIS A 60 -1.15 13.93 13.45
CA HIS A 60 -0.31 13.47 14.55
C HIS A 60 0.50 14.61 15.14
N GLY A 61 0.36 15.81 14.56
CA GLY A 61 0.98 16.99 15.11
C GLY A 61 2.49 16.99 15.04
N GLY A 62 3.07 16.11 14.24
CA GLY A 62 4.50 15.97 14.22
C GLY A 62 5.04 15.10 15.33
N ASN A 63 4.17 14.49 16.13
CA ASN A 63 4.59 13.66 17.25
C ASN A 63 4.86 12.23 16.85
N VAL A 64 4.33 11.79 15.72
CA VAL A 64 4.53 10.41 15.29
C VAL A 64 5.09 10.41 13.86
N PRO A 65 6.27 10.98 13.65
CA PRO A 65 6.88 10.94 12.33
C PRO A 65 7.21 9.50 11.92
N TYR A 66 7.39 9.34 10.60
CA TYR A 66 7.60 8.02 10.01
C TYR A 66 8.36 8.22 8.72
N TRP A 67 8.83 7.10 8.17
CA TRP A 67 9.38 7.09 6.83
C TRP A 67 8.42 6.37 5.91
N GLU A 68 8.52 6.69 4.63
CA GLU A 68 7.70 6.03 3.64
C GLU A 68 7.88 4.51 3.75
N GLY A 69 6.77 3.79 3.64
CA GLY A 69 6.77 2.35 3.71
C GLY A 69 6.47 1.77 5.08
N GLN A 70 6.44 2.59 6.11
CA GLN A 70 6.13 2.11 7.43
C GLN A 70 4.62 2.02 7.63
N SER A 71 4.25 1.44 8.77
CA SER A 71 2.86 1.28 9.18
C SER A 71 2.61 2.03 10.48
N TYR A 72 1.38 2.48 10.62
CA TYR A 72 0.88 2.95 11.91
C TYR A 72 0.01 1.85 12.49
N GLY A 73 0.04 1.75 13.80
CA GLY A 73 -0.90 0.93 14.53
C GLY A 73 -2.06 1.80 15.00
N VAL A 74 -3.25 1.24 14.93
CA VAL A 74 -4.45 1.88 15.45
C VAL A 74 -5.05 0.92 16.45
N ILE A 75 -5.43 1.43 17.62
CA ILE A 75 -6.16 0.64 18.61
C ILE A 75 -7.61 1.08 18.54
N PRO A 76 -8.51 0.27 18.01
CA PRO A 76 -9.90 0.68 17.94
C PRO A 76 -10.49 0.70 19.33
N PRO A 77 -11.55 1.45 19.55
CA PRO A 77 -12.17 1.50 20.88
C PRO A 77 -12.81 0.18 21.24
N GLY A 78 -13.07 0.03 22.54
CA GLY A 78 -13.77 -1.12 23.07
C GLY A 78 -12.84 -2.03 23.86
N GLU A 79 -13.44 -3.03 24.48
CA GLU A 79 -12.69 -4.04 25.21
C GLU A 79 -12.27 -5.15 24.27
N ASN A 80 -11.13 -5.75 24.56
CA ASN A 80 -10.67 -6.89 23.80
C ASN A 80 -11.63 -8.05 24.03
N PRO A 81 -12.30 -8.56 23.00
CA PRO A 81 -13.26 -9.65 23.23
C PRO A 81 -12.63 -10.89 23.85
N LYS A 82 -11.39 -11.21 23.49
CA LYS A 82 -10.71 -12.39 24.00
C LYS A 82 -9.92 -12.10 25.27
N LYS A 83 -10.07 -10.92 25.85
CA LYS A 83 -9.24 -10.48 26.96
C LYS A 83 -9.99 -9.44 27.78
N PRO A 84 -11.10 -9.83 28.46
CA PRO A 84 -11.88 -8.85 29.21
C PRO A 84 -11.02 -7.90 30.02
N GLY A 85 -11.41 -6.63 30.07
CA GLY A 85 -10.65 -5.62 30.78
C GLY A 85 -9.43 -5.08 30.05
N ALA A 86 -9.11 -5.61 28.86
CA ALA A 86 -7.95 -5.13 28.14
C ALA A 86 -8.37 -4.31 26.93
N PRO A 87 -7.50 -3.41 26.46
CA PRO A 87 -7.78 -2.70 25.21
C PRO A 87 -7.73 -3.66 24.03
N GLN A 88 -8.33 -3.21 22.92
CA GLN A 88 -8.30 -3.99 21.70
C GLN A 88 -6.87 -4.11 21.20
N ASN A 89 -6.63 -5.17 20.43
CA ASN A 89 -5.34 -5.35 19.81
C ASN A 89 -5.12 -4.31 18.74
N VAL A 90 -3.86 -3.92 18.58
CA VAL A 90 -3.47 -3.03 17.51
C VAL A 90 -3.78 -3.67 16.16
N ARG A 91 -4.28 -2.88 15.22
CA ARG A 91 -4.30 -3.24 13.81
C ARG A 91 -3.33 -2.31 13.10
N LEU A 92 -2.56 -2.88 12.17
CA LEU A 92 -1.56 -2.11 11.43
C LEU A 92 -2.12 -1.66 10.10
N TYR A 93 -1.73 -0.47 9.69
CA TYR A 93 -2.16 0.10 8.41
C TYR A 93 -0.94 0.72 7.75
N SER A 94 -0.75 0.39 6.48
CA SER A 94 0.37 0.91 5.74
C SER A 94 0.17 2.39 5.48
N ILE A 95 1.18 3.19 5.83
CA ILE A 95 1.02 4.62 5.65
C ILE A 95 1.05 4.91 4.15
N ALA A 96 0.05 5.65 3.69
CA ALA A 96 -0.15 5.93 2.26
C ALA A 96 0.36 7.30 1.88
N SER A 97 0.97 8.01 2.80
CA SER A 97 1.49 9.34 2.58
C SER A 97 3.00 9.33 2.70
N THR A 98 3.62 10.37 2.17
CA THR A 98 5.02 10.58 2.47
C THR A 98 5.18 11.04 3.91
N ARG A 99 6.42 11.15 4.35
CA ARG A 99 6.68 11.65 5.68
C ARG A 99 6.17 13.07 5.89
N TYR A 100 5.94 13.81 4.82
CA TYR A 100 5.39 15.16 4.96
C TYR A 100 3.88 15.16 5.01
N GLY A 101 3.24 14.10 4.53
CA GLY A 101 1.81 13.99 4.58
C GLY A 101 1.14 14.76 3.47
N ASP A 102 -0.16 14.57 3.38
CA ASP A 102 -0.94 15.12 2.29
C ASP A 102 -1.07 16.63 2.37
N ASN A 103 -0.76 17.24 3.52
CA ASN A 103 -0.76 18.70 3.61
CA ASN A 103 -0.76 18.69 3.70
C ASN A 103 0.65 19.28 3.59
N PHE A 104 1.63 18.44 3.31
CA PHE A 104 2.99 18.89 2.98
C PHE A 104 3.66 19.62 4.15
N ASP A 105 3.26 19.29 5.38
CA ASP A 105 3.68 20.02 6.56
C ASP A 105 4.24 19.14 7.67
N GLY A 106 4.40 17.85 7.44
CA GLY A 106 4.96 16.99 8.45
C GLY A 106 4.07 16.76 9.65
N ARG A 107 2.76 17.07 9.54
CA ARG A 107 1.85 16.94 10.67
CA ARG A 107 1.88 16.90 10.68
C ARG A 107 0.80 15.86 10.49
N THR A 108 0.63 15.32 9.31
CA THR A 108 -0.42 14.36 9.07
C THR A 108 0.15 13.16 8.36
N GLY A 109 -0.54 12.04 8.54
CA GLY A 109 -0.26 10.86 7.78
C GLY A 109 -1.60 10.31 7.30
N SER A 110 -1.56 9.52 6.25
CA SER A 110 -2.78 9.01 5.66
C SER A 110 -2.76 7.50 5.60
N LEU A 111 -3.95 6.91 5.68
CA LEU A 111 -4.17 5.49 5.58
C LEU A 111 -5.13 5.23 4.44
N CYS A 112 -5.01 4.04 3.85
CA CYS A 112 -5.85 3.55 2.77
C CYS A 112 -6.47 2.27 3.28
N VAL A 113 -7.75 2.31 3.67
CA VAL A 113 -8.33 1.30 4.53
C VAL A 113 -9.49 0.65 3.80
N ARG A 114 -9.44 -0.66 3.64
CA ARG A 114 -10.56 -1.42 3.08
C ARG A 114 -11.50 -1.85 4.20
N ARG A 115 -12.78 -1.52 4.06
CA ARG A 115 -13.75 -2.01 5.03
C ARG A 115 -13.85 -3.53 4.96
N ALA A 116 -13.67 -4.18 6.09
CA ALA A 116 -13.85 -5.63 6.18
C ALA A 116 -15.28 -5.89 6.63
N VAL A 117 -16.10 -6.40 5.71
CA VAL A 117 -17.52 -6.60 5.95
C VAL A 117 -17.80 -8.09 5.79
N TYR A 118 -18.66 -8.59 6.65
CA TYR A 118 -19.04 -9.99 6.63
C TYR A 118 -20.36 -10.13 5.88
N TYR A 119 -20.40 -11.07 4.95
CA TYR A 119 -21.64 -11.48 4.29
C TYR A 119 -21.79 -12.97 4.45
N ASP A 120 -22.99 -13.42 4.82
CA ASP A 120 -23.20 -14.86 4.92
C ASP A 120 -22.96 -15.45 3.53
N PRO A 121 -22.17 -16.52 3.43
CA PRO A 121 -21.81 -17.04 2.11
C PRO A 121 -23.00 -17.55 1.28
N GLU A 122 -24.13 -17.88 1.91
CA GLU A 122 -25.28 -18.38 1.17
C GLU A 122 -26.34 -17.31 0.92
N THR A 123 -26.74 -16.58 1.96
CA THR A 123 -27.82 -15.60 1.82
C THR A 123 -27.30 -14.22 1.50
N GLY A 124 -26.02 -13.95 1.73
CA GLY A 124 -25.49 -12.62 1.59
C GLY A 124 -25.85 -11.68 2.71
N LYS A 125 -26.46 -12.15 3.80
N LYS A 125 -26.63 -12.13 3.68
CA LYS A 125 -26.85 -11.28 4.90
CA LYS A 125 -27.01 -11.27 4.79
C LYS A 125 -25.62 -10.80 5.70
C LYS A 125 -25.73 -10.68 5.35
N GLU A 126 -25.84 -9.76 6.51
N GLU A 126 -25.44 -9.45 4.95
CA GLU A 126 -24.79 -9.06 7.25
CA GLU A 126 -24.45 -8.68 5.67
C GLU A 126 -24.94 -9.30 8.76
C GLU A 126 -24.76 -8.82 7.15
N ASP A 127 -23.88 -8.94 9.50
N ASP A 127 -23.73 -9.15 7.93
CA ASP A 127 -23.89 -9.10 10.95
CA ASP A 127 -23.88 -9.24 9.38
C ASP A 127 -22.86 -8.15 11.56
C ASP A 127 -22.93 -8.23 9.99
N PRO A 128 -23.28 -7.13 12.31
N PRO A 128 -23.40 -7.05 10.38
CA PRO A 128 -22.32 -6.12 12.77
CA PRO A 128 -22.47 -6.05 10.94
C PRO A 128 -21.28 -6.64 13.74
C PRO A 128 -21.71 -6.54 12.15
N SER A 129 -21.60 -7.70 14.49
N SER A 129 -22.31 -7.44 12.96
CA SER A 129 -20.61 -8.27 15.41
CA SER A 129 -21.62 -7.95 14.14
C SER A 129 -19.49 -8.98 14.67
C SER A 129 -20.36 -8.74 13.79
N LYS A 130 -19.65 -9.19 13.36
N LYS A 130 -20.25 -9.25 12.57
CA LYS A 130 -18.68 -9.91 12.57
CA LYS A 130 -19.06 -9.97 12.15
C LYS A 130 -17.93 -9.05 11.55
C LYS A 130 -18.17 -9.12 11.27
N ASN A 131 -18.36 -7.80 11.32
CA ASN A 131 -17.54 -6.91 10.52
CA ASN A 131 -17.54 -6.92 10.52
C ASN A 131 -16.20 -6.67 11.20
N GLY A 132 -15.24 -6.22 10.41
CA GLY A 132 -13.93 -5.90 10.97
C GLY A 132 -14.03 -4.68 11.85
N VAL A 133 -13.47 -4.76 13.05
CA VAL A 133 -13.64 -3.66 14.01
C VAL A 133 -12.89 -2.42 13.55
N CYS A 134 -11.59 -2.54 13.32
CA CYS A 134 -10.81 -1.32 13.13
C CYS A 134 -11.05 -0.71 11.75
N SER A 135 -11.20 -1.53 10.72
CA SER A 135 -11.38 -0.98 9.39
C SER A 135 -12.67 -0.19 9.29
N ASN A 136 -13.74 -0.70 9.89
CA ASN A 136 -14.99 0.05 9.89
C ASN A 136 -14.92 1.24 10.83
N PHE A 137 -14.24 1.11 11.97
CA PHE A 137 -14.04 2.25 12.84
C PHE A 137 -13.40 3.39 12.07
N LEU A 138 -12.33 3.09 11.34
CA LEU A 138 -11.60 4.11 10.60
C LEU A 138 -12.46 4.70 9.48
N CYS A 139 -13.10 3.86 8.66
CA CYS A 139 -13.84 4.41 7.55
CA CYS A 139 -13.88 4.35 7.53
C CYS A 139 -15.12 5.12 7.98
N ASN A 140 -15.62 4.84 9.18
CA ASN A 140 -16.76 5.55 9.76
C ASN A 140 -16.34 6.83 10.45
N SER A 141 -15.06 7.13 10.52
CA SER A 141 -14.60 8.29 11.26
C SER A 141 -14.94 9.59 10.54
N LYS A 142 -14.98 10.66 11.32
CA LYS A 142 -15.30 11.98 10.84
C LYS A 142 -14.27 12.97 11.36
N PRO A 143 -14.12 14.10 10.69
CA PRO A 143 -13.20 15.13 11.17
C PRO A 143 -13.40 15.43 12.64
N GLY A 144 -12.30 15.52 13.36
CA GLY A 144 -12.33 15.77 14.78
C GLY A 144 -12.35 14.55 15.66
N ASP A 145 -12.66 13.38 15.12
CA ASP A 145 -12.61 12.18 15.92
C ASP A 145 -11.18 11.87 16.36
N LYS A 146 -11.06 11.20 17.49
CA LYS A 146 -9.77 10.85 18.04
C LYS A 146 -9.44 9.41 17.70
N ILE A 147 -8.16 9.17 17.41
CA ILE A 147 -7.63 7.88 17.01
C ILE A 147 -6.45 7.60 17.92
N GLN A 148 -6.41 6.40 18.51
CA GLN A 148 -5.27 5.94 19.30
C GLN A 148 -4.24 5.34 18.36
N LEU A 149 -3.11 6.02 18.23
CA LEU A 149 -2.08 5.68 17.27
CA LEU A 149 -2.09 5.69 17.27
C LEU A 149 -0.88 5.10 17.97
N THR A 150 -0.31 4.05 17.39
CA THR A 150 0.93 3.47 17.87
CA THR A 150 0.93 3.50 17.89
C THR A 150 1.91 3.36 16.72
N GLY A 151 3.15 3.14 17.08
CA GLY A 151 4.16 2.94 16.09
C GLY A 151 5.02 4.17 15.92
N PRO A 152 5.50 4.41 14.71
CA PRO A 152 5.32 3.56 13.53
C PRO A 152 6.07 2.25 13.68
N SER A 153 5.84 1.36 12.74
CA SER A 153 6.58 0.12 12.77
C SER A 153 6.81 -0.37 11.36
N GLY A 154 7.69 -1.34 11.26
CA GLY A 154 8.03 -1.97 10.02
C GLY A 154 9.21 -1.35 9.33
N LYS A 155 10.02 -2.20 8.73
CA LYS A 155 11.12 -1.76 7.90
C LYS A 155 11.18 -2.46 6.56
N ILE A 156 10.34 -3.46 6.32
CA ILE A 156 10.46 -4.23 5.08
C ILE A 156 10.30 -3.34 3.87
N MET A 157 9.40 -2.37 3.95
CA MET A 157 9.03 -1.56 2.80
C MET A 157 9.68 -0.19 2.80
N LEU A 158 10.74 -0.01 3.59
CA LEU A 158 11.48 1.24 3.46
C LEU A 158 12.06 1.36 2.06
N LEU A 159 12.02 2.56 1.51
CA LEU A 159 12.49 2.78 0.17
C LEU A 159 14.01 2.81 0.14
N PRO A 160 14.67 1.96 -0.63
CA PRO A 160 16.13 2.07 -0.77
C PRO A 160 16.51 3.30 -1.57
N GLU A 161 17.15 4.27 -0.93
CA GLU A 161 17.44 5.55 -1.55
C GLU A 161 18.90 5.72 -1.90
N GLU A 162 19.75 4.76 -1.55
CA GLU A 162 21.19 4.87 -1.80
C GLU A 162 21.49 5.21 -3.25
N ASP A 163 20.75 4.61 -4.18
CA ASP A 163 20.91 4.88 -5.60
C ASP A 163 19.68 5.65 -6.05
N PRO A 164 19.76 6.97 -6.24
CA PRO A 164 18.59 7.72 -6.65
C PRO A 164 18.16 7.45 -8.08
N ASN A 165 18.92 6.64 -8.83
CA ASN A 165 18.54 6.25 -10.18
C ASN A 165 18.21 4.76 -10.27
N ALA A 166 17.89 4.16 -9.14
CA ALA A 166 17.47 2.78 -9.11
C ALA A 166 16.16 2.58 -9.86
N THR A 167 15.85 1.32 -10.17
CA THR A 167 14.55 0.94 -10.68
C THR A 167 13.74 0.30 -9.56
N HIS A 168 12.47 0.67 -9.47
CA HIS A 168 11.55 0.21 -8.44
C HIS A 168 10.30 -0.28 -9.14
N ILE A 169 10.06 -1.57 -9.10
CA ILE A 169 8.89 -2.20 -9.70
C ILE A 169 7.94 -2.52 -8.55
N MET A 170 6.79 -1.87 -8.55
CA MET A 170 5.89 -1.87 -7.41
CA MET A 170 5.90 -1.89 -7.40
C MET A 170 4.63 -2.63 -7.78
N ILE A 171 4.36 -3.72 -7.08
CA ILE A 171 3.25 -4.61 -7.40
C ILE A 171 2.26 -4.56 -6.26
N ALA A 172 1.08 -4.04 -6.53
CA ALA A 172 0.07 -3.87 -5.50
C ALA A 172 -1.24 -4.52 -5.91
N THR A 173 -1.94 -5.05 -4.92
CA THR A 173 -3.37 -5.30 -5.05
C THR A 173 -4.08 -4.52 -3.96
N GLY A 174 -5.18 -3.88 -4.36
CA GLY A 174 -6.02 -3.16 -3.42
C GLY A 174 -5.23 -2.19 -2.59
N THR A 175 -5.44 -2.25 -1.28
CA THR A 175 -4.82 -1.29 -0.38
C THR A 175 -3.32 -1.45 -0.34
N GLY A 176 -2.79 -2.51 -0.95
CA GLY A 176 -1.36 -2.64 -1.09
C GLY A 176 -0.72 -1.49 -1.83
N VAL A 177 -1.52 -0.68 -2.53
CA VAL A 177 -0.98 0.50 -3.18
C VAL A 177 -0.44 1.52 -2.19
N ALA A 178 -0.82 1.43 -0.91
CA ALA A 178 -0.52 2.47 0.06
C ALA A 178 0.95 2.89 0.12
N PRO A 179 1.90 1.99 0.39
CA PRO A 179 3.29 2.44 0.45
C PRO A 179 3.74 3.06 -0.86
N PHE A 180 3.19 2.58 -1.98
CA PHE A 180 3.63 3.07 -3.28
C PHE A 180 3.14 4.48 -3.53
N ARG A 181 1.98 4.83 -3.01
CA ARG A 181 1.57 6.23 -3.11
C ARG A 181 2.59 7.14 -2.43
N GLY A 182 3.09 6.70 -1.28
CA GLY A 182 4.13 7.45 -0.59
C GLY A 182 5.44 7.47 -1.35
N TYR A 183 5.89 6.30 -1.85
CA TYR A 183 7.11 6.27 -2.64
C TYR A 183 7.02 7.25 -3.80
N LEU A 184 5.92 7.20 -4.53
CA LEU A 184 5.83 7.95 -5.77
C LEU A 184 5.69 9.43 -5.52
N ARG A 185 5.02 9.83 -4.44
CA ARG A 185 5.03 11.24 -4.10
C ARG A 185 6.42 11.73 -3.78
N ARG A 186 7.20 10.93 -3.06
CA ARG A 186 8.56 11.33 -2.74
C ARG A 186 9.41 11.38 -3.98
N MET A 187 9.19 10.44 -4.90
CA MET A 187 9.99 10.40 -6.12
C MET A 187 9.65 11.54 -7.06
N PHE A 188 8.37 11.88 -7.17
CA PHE A 188 7.89 12.76 -8.25
C PHE A 188 7.25 14.05 -7.78
N MET A 189 6.50 14.04 -6.69
CA MET A 189 5.65 15.18 -6.37
C MET A 189 6.36 16.21 -5.51
N GLU A 190 7.14 15.79 -4.53
CA GLU A 190 7.61 16.65 -3.46
C GLU A 190 9.01 17.16 -3.74
N ASP A 191 9.28 18.39 -3.31
CA ASP A 191 10.61 18.98 -3.49
C ASP A 191 11.52 18.56 -2.34
N VAL A 192 12.22 17.44 -2.53
CA VAL A 192 13.10 16.90 -1.51
C VAL A 192 14.52 17.02 -2.03
N PRO A 193 15.27 18.05 -1.65
CA PRO A 193 16.52 18.31 -2.36
C PRO A 193 17.54 17.22 -2.22
N ASN A 194 17.50 16.44 -1.15
CA ASN A 194 18.49 15.40 -0.93
C ASN A 194 18.11 14.07 -1.57
N TYR A 195 16.96 13.99 -2.24
CA TYR A 195 16.57 12.77 -2.97
C TYR A 195 15.92 13.19 -4.28
N ARG A 196 16.71 13.18 -5.34
CA ARG A 196 16.25 13.52 -6.69
C ARG A 196 16.21 12.24 -7.49
N PHE A 197 15.02 11.69 -7.65
CA PHE A 197 14.87 10.41 -8.30
C PHE A 197 15.02 10.56 -9.80
N GLY A 198 15.86 9.73 -10.39
CA GLY A 198 16.08 9.76 -11.81
C GLY A 198 16.04 8.40 -12.46
N GLY A 199 15.50 7.43 -11.73
CA GLY A 199 15.41 6.06 -12.20
C GLY A 199 14.10 5.78 -12.91
N LEU A 200 13.66 4.54 -12.80
CA LEU A 200 12.37 4.11 -13.32
C LEU A 200 11.56 3.57 -12.15
N ALA A 201 10.35 4.10 -12.00
CA ALA A 201 9.36 3.57 -11.08
C ALA A 201 8.24 3.03 -11.92
N TRP A 202 7.83 1.79 -11.65
CA TRP A 202 6.83 1.11 -12.47
C TRP A 202 5.80 0.50 -11.54
N LEU A 203 4.60 1.06 -11.56
CA LEU A 203 3.53 0.63 -10.68
C LEU A 203 2.59 -0.29 -11.44
N PHE A 204 2.34 -1.47 -10.87
CA PHE A 204 1.33 -2.40 -11.32
C PHE A 204 0.28 -2.47 -10.23
N LEU A 205 -0.98 -2.26 -10.60
CA LEU A 205 -2.04 -2.28 -9.61
C LEU A 205 -3.16 -3.19 -10.08
N GLY A 206 -3.52 -4.16 -9.24
CA GLY A 206 -4.65 -5.03 -9.50
C GLY A 206 -5.79 -4.70 -8.55
N VAL A 207 -6.97 -4.47 -9.12
CA VAL A 207 -8.20 -4.24 -8.39
C VAL A 207 -9.33 -4.92 -9.16
N ALA A 208 -10.53 -4.86 -8.59
CA ALA A 208 -11.65 -5.63 -9.15
C ALA A 208 -12.17 -4.99 -10.44
N ASN A 209 -12.32 -3.67 -10.47
CA ASN A 209 -12.86 -3.00 -11.64
C ASN A 209 -12.45 -1.53 -11.61
N SER A 210 -12.89 -0.80 -12.63
CA SER A 210 -12.46 0.59 -12.76
C SER A 210 -12.88 1.41 -11.55
N ASP A 211 -14.08 1.15 -11.03
CA ASP A 211 -14.55 1.87 -9.84
C ASP A 211 -13.75 1.52 -8.60
N SER A 212 -12.98 0.43 -8.62
CA SER A 212 -12.18 0.04 -7.48
C SER A 212 -10.77 0.61 -7.53
N LEU A 213 -10.44 1.36 -8.57
CA LEU A 213 -9.11 1.95 -8.65
C LEU A 213 -8.90 2.93 -7.51
N LEU A 214 -7.64 3.03 -7.09
CA LEU A 214 -7.25 3.83 -5.93
C LEU A 214 -6.17 4.81 -6.37
N TYR A 215 -6.45 6.10 -6.23
CA TYR A 215 -5.50 7.15 -6.56
C TYR A 215 -5.14 7.19 -8.05
N ASP A 216 -6.04 6.72 -8.91
CA ASP A 216 -5.73 6.60 -10.33
C ASP A 216 -5.35 7.93 -10.94
N GLU A 217 -6.03 9.02 -10.54
CA GLU A 217 -5.76 10.32 -11.13
C GLU A 217 -4.34 10.78 -10.81
N GLU A 218 -3.90 10.52 -9.59
CA GLU A 218 -2.55 10.88 -9.21
C GLU A 218 -1.54 10.10 -10.01
N PHE A 219 -1.73 8.79 -10.14
CA PHE A 219 -0.77 7.99 -10.88
C PHE A 219 -0.78 8.36 -12.36
N THR A 220 -1.95 8.60 -12.94
CA THR A 220 -2.01 8.99 -14.35
CA THR A 220 -1.98 8.96 -14.35
C THR A 220 -1.31 10.31 -14.57
N SER A 221 -1.38 11.22 -13.61
CA SER A 221 -0.68 12.49 -13.72
CA SER A 221 -0.68 12.48 -13.76
C SER A 221 0.83 12.29 -13.82
N TYR A 222 1.37 11.32 -13.09
CA TYR A 222 2.81 11.07 -13.18
C TYR A 222 3.21 10.62 -14.58
N LEU A 223 2.35 9.89 -15.29
CA LEU A 223 2.68 9.51 -16.67
C LEU A 223 2.92 10.72 -17.53
N LYS A 224 2.21 11.80 -17.26
CA LYS A 224 2.32 13.01 -18.07
C LYS A 224 3.43 13.91 -17.60
N GLN A 225 3.77 13.84 -16.31
CA GLN A 225 4.79 14.70 -15.74
C GLN A 225 6.18 14.09 -15.85
N TYR A 226 6.27 12.77 -15.74
CA TYR A 226 7.55 12.07 -15.72
C TYR A 226 7.47 10.87 -16.65
N PRO A 227 7.16 11.10 -17.92
CA PRO A 227 6.99 9.98 -18.85
C PRO A 227 8.22 9.13 -19.04
N ASP A 228 9.41 9.69 -18.79
CA ASP A 228 10.65 8.95 -18.94
C ASP A 228 11.08 8.24 -17.66
N ASN A 229 10.32 8.39 -16.60
CA ASN A 229 10.69 7.82 -15.30
C ASN A 229 9.59 7.05 -14.63
N PHE A 230 8.39 7.04 -15.18
CA PHE A 230 7.27 6.36 -14.53
C PHE A 230 6.49 5.56 -15.56
N ARG A 231 6.14 4.34 -15.19
CA ARG A 231 5.21 3.52 -15.94
C ARG A 231 4.15 3.00 -15.00
N TYR A 232 2.98 2.70 -15.55
CA TYR A 232 1.80 2.42 -14.75
C TYR A 232 0.91 1.46 -15.52
N ASP A 233 0.64 0.31 -14.93
CA ASP A 233 -0.22 -0.69 -15.54
C ASP A 233 -1.23 -1.19 -14.53
N LYS A 234 -2.46 -1.35 -15.01
CA LYS A 234 -3.58 -1.75 -14.17
C LYS A 234 -4.15 -3.06 -14.68
N ALA A 235 -4.60 -3.88 -13.74
CA ALA A 235 -5.30 -5.13 -14.02
C ALA A 235 -6.64 -5.10 -13.30
N LEU A 236 -7.74 -5.19 -14.06
CA LEU A 236 -9.09 -5.11 -13.51
C LEU A 236 -9.72 -6.50 -13.61
N SER A 237 -9.77 -7.21 -12.48
CA SER A 237 -10.05 -8.65 -12.53
C SER A 237 -11.45 -8.95 -13.04
N ARG A 238 -12.42 -8.10 -12.75
CA ARG A 238 -13.79 -8.37 -13.14
C ARG A 238 -14.15 -7.79 -14.50
N GLU A 239 -13.32 -6.91 -15.05
CA GLU A 239 -13.61 -6.24 -16.31
C GLU A 239 -12.67 -6.68 -17.43
N GLN A 240 -11.57 -7.36 -17.09
CA GLN A 240 -10.58 -7.81 -18.06
C GLN A 240 -10.33 -9.31 -17.88
N LYS A 241 -9.94 -9.97 -18.97
CA LYS A 241 -9.62 -11.38 -18.95
C LYS A 241 -8.20 -11.58 -19.45
N ASN A 242 -7.52 -12.57 -18.88
CA ASN A 242 -6.13 -12.80 -19.23
C ASN A 242 -6.02 -13.67 -20.48
N ARG A 243 -4.79 -13.78 -20.98
CA ARG A 243 -4.51 -14.52 -22.20
C ARG A 243 -5.04 -15.95 -22.19
N SER A 244 -5.28 -16.52 -21.01
CA SER A 244 -5.79 -17.89 -20.92
C SER A 244 -7.28 -17.96 -20.61
N GLY A 245 -7.97 -16.83 -20.52
CA GLY A 245 -9.37 -16.82 -20.19
C GLY A 245 -9.65 -16.59 -18.73
N GLY A 246 -8.63 -16.56 -17.87
CA GLY A 246 -8.84 -16.25 -16.49
C GLY A 246 -9.10 -14.78 -16.26
N LYS A 247 -9.63 -14.48 -15.09
CA LYS A 247 -9.73 -13.08 -14.70
C LYS A 247 -8.35 -12.44 -14.76
N MET A 248 -8.31 -11.18 -15.17
N MET A 248 -8.27 -11.22 -15.29
CA MET A 248 -7.06 -10.45 -15.39
CA MET A 248 -6.98 -10.56 -15.43
C MET A 248 -6.54 -10.00 -14.04
C MET A 248 -6.54 -10.04 -14.06
N TYR A 249 -5.54 -10.69 -13.52
CA TYR A 249 -4.94 -10.33 -12.25
C TYR A 249 -3.64 -9.62 -12.52
N VAL A 250 -3.07 -9.06 -11.46
CA VAL A 250 -1.85 -8.30 -11.64
C VAL A 250 -0.75 -9.16 -12.23
N GLN A 251 -0.70 -10.45 -11.90
CA GLN A 251 0.35 -11.29 -12.46
C GLN A 251 0.22 -11.42 -13.96
N ASP A 252 -1.00 -11.34 -14.49
CA ASP A 252 -1.17 -11.37 -15.94
C ASP A 252 -0.62 -10.11 -16.58
N LYS A 253 -0.70 -8.97 -15.91
CA LYS A 253 -0.07 -7.78 -16.46
C LYS A 253 1.44 -7.86 -16.40
N ILE A 254 1.97 -8.36 -15.28
CA ILE A 254 3.40 -8.62 -15.17
C ILE A 254 3.86 -9.48 -16.35
N GLU A 255 3.10 -10.54 -16.64
CA GLU A 255 3.45 -11.45 -17.73
C GLU A 255 3.53 -10.72 -19.07
N GLU A 256 2.67 -9.71 -19.26
N GLU A 256 2.66 -9.74 -19.28
CA GLU A 256 2.67 -8.94 -20.50
CA GLU A 256 2.72 -8.98 -20.53
C GLU A 256 3.97 -8.15 -20.68
C GLU A 256 4.08 -8.33 -20.72
N TYR A 257 4.74 -7.96 -19.62
CA TYR A 257 6.02 -7.25 -19.66
C TYR A 257 7.15 -8.12 -19.16
N SER A 258 7.01 -9.44 -19.32
CA SER A 258 7.92 -10.38 -18.65
C SER A 258 9.38 -10.13 -19.06
N ASP A 259 9.64 -9.91 -20.35
CA ASP A 259 11.02 -9.71 -20.77
C ASP A 259 11.60 -8.43 -20.16
N GLU A 260 10.84 -7.35 -20.22
CA GLU A 260 11.32 -6.08 -19.65
C GLU A 260 11.57 -6.24 -18.16
N ILE A 261 10.66 -6.89 -17.46
CA ILE A 261 10.78 -7.03 -16.02
C ILE A 261 11.97 -7.89 -15.65
N PHE A 262 12.14 -9.02 -16.35
CA PHE A 262 13.25 -9.89 -15.99
C PHE A 262 14.59 -9.22 -16.26
N LYS A 263 14.67 -8.46 -17.35
CA LYS A 263 15.90 -7.72 -17.63
C LYS A 263 16.17 -6.67 -16.57
N LEU A 264 15.13 -5.99 -16.10
CA LEU A 264 15.32 -4.98 -15.07
C LEU A 264 15.77 -5.63 -13.78
N LEU A 265 15.18 -6.77 -13.44
CA LEU A 265 15.62 -7.49 -12.24
C LEU A 265 17.09 -7.91 -12.36
N ASP A 266 17.47 -8.42 -13.52
CA ASP A 266 18.86 -8.81 -13.70
C ASP A 266 19.79 -7.61 -13.57
N GLY A 267 19.29 -6.44 -13.90
CA GLY A 267 20.06 -5.23 -13.82
C GLY A 267 20.08 -4.56 -12.47
N GLY A 268 19.40 -5.16 -11.48
CA GLY A 268 19.42 -4.67 -10.13
C GLY A 268 18.15 -4.01 -9.64
N ALA A 269 17.06 -4.08 -10.41
CA ALA A 269 15.83 -3.43 -9.98
C ALA A 269 15.32 -4.03 -8.68
N HIS A 270 14.74 -3.16 -7.85
CA HIS A 270 13.99 -3.59 -6.69
C HIS A 270 12.58 -3.92 -7.12
N ILE A 271 12.01 -4.95 -6.50
CA ILE A 271 10.63 -5.31 -6.77
C ILE A 271 9.92 -5.46 -5.44
N TYR A 272 8.70 -4.93 -5.38
CA TYR A 272 7.96 -4.81 -4.15
C TYR A 272 6.60 -5.40 -4.35
N PHE A 273 6.09 -6.07 -3.33
CA PHE A 273 4.76 -6.66 -3.37
C PHE A 273 4.06 -6.27 -2.10
N CYS A 274 2.85 -5.75 -2.23
CA CYS A 274 2.11 -5.31 -1.06
C CYS A 274 0.63 -5.52 -1.30
N GLY A 275 -0.05 -5.97 -0.27
CA GLY A 275 -1.47 -6.20 -0.29
C GLY A 275 -1.80 -7.42 0.54
N LEU A 276 -2.96 -7.99 0.27
CA LEU A 276 -3.32 -9.21 0.98
C LEU A 276 -2.56 -10.40 0.41
N LYS A 277 -2.25 -11.35 1.30
CA LYS A 277 -1.30 -12.40 0.94
C LYS A 277 -1.83 -13.33 -0.14
N GLY A 278 -3.14 -13.34 -0.38
CA GLY A 278 -3.69 -14.16 -1.44
C GLY A 278 -3.20 -13.77 -2.83
N MET A 279 -2.58 -12.59 -2.96
CA MET A 279 -2.05 -12.17 -4.24
CA MET A 279 -2.05 -12.17 -4.25
C MET A 279 -0.80 -12.96 -4.63
N MET A 280 -0.09 -13.52 -3.64
CA MET A 280 1.24 -14.04 -3.94
C MET A 280 1.28 -15.38 -4.66
N PRO A 281 0.41 -16.35 -4.31
CA PRO A 281 0.50 -17.65 -5.03
C PRO A 281 0.38 -17.50 -6.53
N GLY A 282 -0.56 -16.70 -7.03
CA GLY A 282 -0.67 -16.52 -8.47
C GLY A 282 0.52 -15.80 -9.07
N ILE A 283 1.10 -14.85 -8.32
CA ILE A 283 2.29 -14.18 -8.79
C ILE A 283 3.46 -15.17 -8.89
N GLN A 284 3.66 -15.98 -7.86
CA GLN A 284 4.75 -16.96 -7.88
C GLN A 284 4.55 -17.95 -9.01
N ASP A 285 3.31 -18.41 -9.23
N ASP A 285 3.31 -18.39 -9.25
CA ASP A 285 3.04 -19.31 -10.35
CA ASP A 285 3.05 -19.32 -10.35
C ASP A 285 3.41 -18.66 -11.68
C ASP A 285 3.36 -18.69 -11.70
N THR A 286 3.02 -17.40 -11.87
CA THR A 286 3.32 -16.72 -13.13
C THR A 286 4.83 -16.57 -13.29
N LEU A 287 5.51 -16.12 -12.23
CA LEU A 287 6.95 -15.92 -12.34
C LEU A 287 7.67 -17.23 -12.63
N LYS A 288 7.19 -18.34 -12.07
CA LYS A 288 7.78 -19.63 -12.37
CA LYS A 288 7.77 -19.64 -12.37
C LYS A 288 7.59 -19.97 -13.83
N LYS A 289 6.40 -19.69 -14.36
CA LYS A 289 6.09 -20.00 -15.76
CA LYS A 289 6.12 -20.01 -15.76
C LYS A 289 6.90 -19.11 -16.70
N VAL A 290 7.00 -17.83 -16.39
CA VAL A 290 7.81 -16.92 -17.20
C VAL A 290 9.25 -17.39 -17.20
N ALA A 291 9.79 -17.71 -16.03
CA ALA A 291 11.17 -18.16 -15.96
C ALA A 291 11.35 -19.40 -16.81
N GLU A 292 10.43 -20.35 -16.70
CA GLU A 292 10.54 -21.60 -17.45
CA GLU A 292 10.56 -21.60 -17.45
C GLU A 292 10.59 -21.33 -18.95
N ARG A 293 9.70 -20.45 -19.45
CA ARG A 293 9.70 -20.15 -20.88
CA ARG A 293 9.69 -20.15 -20.87
C ARG A 293 11.01 -19.54 -21.31
N ARG A 294 11.69 -18.83 -20.42
CA ARG A 294 12.97 -18.22 -20.71
C ARG A 294 14.13 -19.17 -20.47
N GLY A 295 13.85 -20.38 -19.97
CA GLY A 295 14.92 -21.30 -19.66
C GLY A 295 15.67 -21.00 -18.39
N GLU A 296 15.05 -20.32 -17.44
CA GLU A 296 15.65 -19.97 -16.17
C GLU A 296 14.88 -20.67 -15.07
N SER A 297 15.57 -20.88 -13.96
CA SER A 297 14.94 -21.41 -12.76
C SER A 297 14.48 -20.23 -11.91
N TRP A 298 13.18 -20.14 -11.70
CA TRP A 298 12.66 -19.08 -10.85
C TRP A 298 13.17 -19.21 -9.44
N ASP A 299 13.31 -20.44 -8.93
CA ASP A 299 13.81 -20.63 -7.57
C ASP A 299 15.20 -20.02 -7.43
N GLN A 300 16.08 -20.29 -8.39
CA GLN A 300 17.42 -19.73 -8.31
C GLN A 300 17.39 -18.22 -8.45
N LYS A 301 16.55 -17.70 -9.34
CA LYS A 301 16.46 -16.26 -9.53
C LYS A 301 15.96 -15.59 -8.27
N LEU A 302 14.91 -16.13 -7.66
CA LEU A 302 14.36 -15.56 -6.44
C LEU A 302 15.38 -15.61 -5.32
N ALA A 303 16.10 -16.72 -5.21
CA ALA A 303 17.13 -16.78 -4.18
C ALA A 303 18.15 -15.69 -4.37
N GLN A 304 18.53 -15.41 -5.61
CA GLN A 304 19.51 -14.37 -5.87
C GLN A 304 18.93 -12.98 -5.58
N LEU A 305 17.67 -12.75 -5.95
CA LEU A 305 17.02 -11.49 -5.64
C LEU A 305 16.95 -11.25 -4.14
N LYS A 306 16.62 -12.29 -3.36
CA LYS A 306 16.61 -12.13 -1.91
C LYS A 306 18.01 -11.87 -1.38
N LYS A 307 19.00 -12.61 -1.88
CA LYS A 307 20.37 -12.40 -1.41
C LYS A 307 20.83 -10.98 -1.70
N ASN A 308 20.45 -10.45 -2.84
CA ASN A 308 20.86 -9.11 -3.26
C ASN A 308 19.96 -8.03 -2.70
N LYS A 309 18.97 -8.38 -1.87
CA LYS A 309 18.09 -7.40 -1.23
C LYS A 309 17.30 -6.60 -2.25
N GLN A 310 16.84 -7.27 -3.30
CA GLN A 310 15.98 -6.69 -4.33
C GLN A 310 14.52 -7.06 -4.18
N TRP A 311 14.18 -7.94 -3.25
CA TRP A 311 12.85 -8.54 -3.18
C TRP A 311 12.19 -8.12 -1.87
N HIS A 312 11.09 -7.39 -1.99
CA HIS A 312 10.46 -6.77 -0.82
C HIS A 312 8.99 -7.11 -0.80
N VAL A 313 8.57 -7.88 0.19
CA VAL A 313 7.20 -8.36 0.27
C VAL A 313 6.65 -8.01 1.64
N GLU A 314 5.51 -7.33 1.64
CA GLU A 314 4.77 -7.12 2.88
C GLU A 314 3.30 -7.37 2.57
N VAL A 315 2.83 -8.54 2.96
CA VAL A 315 1.46 -8.97 2.71
C VAL A 315 0.96 -9.61 3.98
N SER A 316 -0.36 -9.75 4.07
CA SER A 316 -0.96 -10.34 5.25
C SER A 316 -2.30 -10.96 4.93
MG MG B . -12.57 5.91 -9.33
PA FAD C . -10.99 -7.67 12.69
O1A FAD C . -11.96 -7.18 13.68
O2A FAD C . -9.58 -7.94 13.12
O5B FAD C . -11.61 -8.97 12.00
C5B FAD C . -10.80 -9.71 11.10
C4B FAD C . -11.70 -10.37 10.06
O4B FAD C . -12.56 -11.33 10.72
C3B FAD C . -12.62 -9.40 9.33
O3B FAD C . -12.65 -9.74 7.94
C2B FAD C . -14.00 -9.66 9.93
O2B FAD C . -15.08 -9.35 9.04
C1B FAD C . -13.89 -11.14 10.24
N9A FAD C . -14.75 -11.66 11.32
C8A FAD C . -14.90 -11.13 12.55
N7A FAD C . -15.76 -11.91 13.28
C5A FAD C . -16.14 -12.93 12.50
C6A FAD C . -17.02 -14.10 12.64
N6A FAD C . -17.66 -14.31 13.80
N1A FAD C . -17.14 -14.91 11.57
C2A FAD C . -16.51 -14.70 10.41
N3A FAD C . -15.68 -13.65 10.22
C4A FAD C . -15.48 -12.75 11.21
N1 FAD C . -5.47 -3.21 5.79
C2 FAD C . -5.88 -2.17 5.06
O2 FAD C . -7.08 -2.05 4.77
N3 FAD C . -5.03 -1.23 4.63
C4 FAD C . -3.72 -1.26 4.91
O4 FAD C . -2.95 -0.37 4.53
C4X FAD C . -3.20 -2.36 5.70
N5 FAD C . -1.90 -2.46 6.03
C5X FAD C . -1.48 -3.48 6.80
C6 FAD C . -0.13 -3.59 7.14
C7 FAD C . 0.34 -4.65 7.89
C7M FAD C . 1.80 -4.74 8.22
C8 FAD C . -0.60 -5.69 8.30
C8M FAD C . -0.11 -6.87 9.12
C9 FAD C . -1.93 -5.60 7.99
C9A FAD C . -2.40 -4.53 7.25
N10 FAD C . -3.77 -4.38 6.93
C10 FAD C . -4.19 -3.33 6.12
C1' FAD C . -4.80 -5.23 7.53
C2' FAD C . -5.31 -4.57 8.82
O2' FAD C . -4.28 -4.56 9.79
C3' FAD C . -6.46 -5.33 9.49
O3' FAD C . -6.09 -6.70 9.70
C4' FAD C . -7.72 -5.26 8.67
O4' FAD C . -8.06 -3.88 8.52
C5' FAD C . -8.88 -5.96 9.35
O5' FAD C . -8.94 -5.49 10.69
P FAD C . -10.34 -5.20 11.40
O1P FAD C . -10.05 -4.71 12.78
O2P FAD C . -11.22 -4.40 10.50
O3P FAD C . -11.02 -6.68 11.41
H51A FAD C . -10.09 -9.05 10.60
H52A FAD C . -10.24 -10.48 11.64
H4B FAD C . -11.07 -10.89 9.32
H3B FAD C . -12.31 -8.36 9.49
HO3A FAD C . -13.27 -9.16 7.48
H2B FAD C . -14.09 -9.09 10.87
HO2A FAD C . -15.10 -8.39 8.89
H1B FAD C . -14.05 -11.71 9.32
H8A FAD C . -14.41 -10.24 12.90
H61A FAD C . -18.28 -15.11 13.89
H62A FAD C . -17.55 -13.67 14.57
H2A FAD C . -16.65 -15.40 9.60
HN3 FAD C . -5.40 -0.44 4.08
H6 FAD C . 0.57 -2.82 6.82
HM71 FAD C . 1.98 -4.25 9.15
HM72 FAD C . 2.37 -4.27 7.46
HM73 FAD C . 2.09 -5.76 8.29
HM81 FAD C . 0.17 -7.65 8.46
HM82 FAD C . -0.89 -7.21 9.75
HM83 FAD C . 0.73 -6.58 9.70
H9 FAD C . -2.61 -6.37 8.32
H1'1 FAD C . -5.63 -5.35 6.84
H1'2 FAD C . -4.39 -6.21 7.77
H2' FAD C . -5.63 -3.54 8.61
HO2' FAD C . -4.02 -5.47 10.01
H3' FAD C . -6.66 -4.86 10.47
HO3' FAD C . -5.94 -7.12 8.85
H4' FAD C . -7.54 -5.71 7.68
HO4' FAD C . -8.21 -3.48 9.40
H5'1 FAD C . -9.82 -5.73 8.84
H5'2 FAD C . -8.74 -7.04 9.33
N1 NCA D . -1.06 -6.48 4.70
C2 NCA D . -1.72 -5.58 3.96
C3 NCA D . -1.06 -4.45 3.48
C4 NCA D . 0.27 -4.27 3.76
C5 NCA D . 0.93 -5.22 4.52
C6 NCA D . 0.24 -6.32 4.99
C7 NCA D . -1.83 -3.47 2.65
O7 NCA D . -2.84 -3.84 2.11
N7 NCA D . -1.40 -2.22 2.53
H2 NCA D . -2.77 -5.73 3.74
H4 NCA D . 0.80 -3.40 3.38
H5 NCA D . 1.98 -5.09 4.76
H6 NCA D . 0.75 -7.06 5.59
HN71 NCA D . -1.92 -1.55 1.98
HN72 NCA D . -0.55 -1.93 3.00
#